data_1N3P
#
_entry.id   1N3P
#
_cell.length_a   56.83
_cell.length_b   83.55
_cell.length_c   123.39
_cell.angle_alpha   90
_cell.angle_beta   90
_cell.angle_gamma   90
#
_symmetry.space_group_name_H-M   'P 21 21 21'
#
loop_
_entity.id
_entity.type
_entity.pdbx_description
1 polymer 'lectin PAL'
2 branched beta-D-fructofuranose-(2-1)-alpha-D-glucopyranose
3 non-polymer 'MANGANESE (II) ION'
4 non-polymer 'CALCIUM ION'
5 water water
#
_entity_poly.entity_id   1
_entity_poly.type   'polypeptide(L)'
_entity_poly.pdbx_seq_one_letter_code
;QDSLSFGFPTFPSDQKNLIFQGDAQIKNNAVQLTKTDSNGNPVASTVGRILFSAQVHLWEKSSSRVANFQSQFSFSLKSP
LSNGADGIAFFIAPPDTTIPSGSGGGLLGLFAPGTAQNTSANQVIAVEFDTFYAQDSNTWDPNYPHIGIDVNSIRSVKTV
KWDRRDGQSLNVLVTFNPSTRNLDVVATYSDGTRYEVSYEVDVRSVLPEWVRVGFSAASGEQYQTHTLESWSFTSTLLYT
AQKKGENLALEM
;
_entity_poly.pdbx_strand_id   A,B
#
# COMPACT_ATOMS: atom_id res chain seq x y z
N GLN A 1 6.01 4.34 5.45
CA GLN A 1 5.07 5.50 5.62
C GLN A 1 4.47 5.51 7.02
N ASP A 2 4.20 6.70 7.53
CA ASP A 2 3.59 6.86 8.84
C ASP A 2 2.10 6.53 8.74
N SER A 3 1.50 6.81 7.59
CA SER A 3 0.08 6.53 7.42
C SER A 3 -0.15 5.71 6.17
N LEU A 4 -1.13 4.83 6.23
CA LEU A 4 -1.46 3.97 5.11
C LEU A 4 -2.93 3.60 5.16
N SER A 5 -3.59 3.62 4.01
CA SER A 5 -4.98 3.22 3.97
C SER A 5 -5.32 2.69 2.59
N PHE A 6 -6.22 1.72 2.54
CA PHE A 6 -6.64 1.14 1.29
C PHE A 6 -8.08 0.68 1.45
N GLY A 7 -8.79 0.54 0.33
CA GLY A 7 -10.18 0.11 0.40
C GLY A 7 -10.61 -0.77 -0.74
N PHE A 8 -11.27 -1.87 -0.40
CA PHE A 8 -11.79 -2.81 -1.37
C PHE A 8 -13.32 -2.86 -1.24
N PRO A 9 -14.04 -2.02 -2.00
CA PRO A 9 -15.50 -2.04 -1.91
C PRO A 9 -15.97 -3.43 -2.35
N THR A 10 -15.24 -4.01 -3.30
CA THR A 10 -15.51 -5.35 -3.81
C THR A 10 -14.15 -5.94 -4.16
N PHE A 11 -14.15 -7.17 -4.63
CA PHE A 11 -12.91 -7.84 -4.99
C PHE A 11 -12.87 -8.38 -6.42
N PRO A 12 -12.57 -7.52 -7.40
CA PRO A 12 -12.49 -7.91 -8.82
C PRO A 12 -11.39 -8.97 -8.97
N SER A 13 -11.46 -9.77 -10.02
CA SER A 13 -10.48 -10.85 -10.21
C SER A 13 -9.03 -10.43 -10.46
N ASP A 14 -8.81 -9.24 -11.02
CA ASP A 14 -7.43 -8.81 -11.27
C ASP A 14 -6.77 -8.11 -10.08
N GLN A 15 -6.37 -8.89 -9.09
CA GLN A 15 -5.72 -8.37 -7.90
C GLN A 15 -4.21 -8.34 -8.09
N LYS A 16 -3.58 -7.31 -7.52
CA LYS A 16 -2.13 -7.18 -7.63
C LYS A 16 -1.47 -7.03 -6.26
N ASN A 17 -2.22 -6.55 -5.28
CA ASN A 17 -1.64 -6.33 -3.95
C ASN A 17 -2.08 -7.29 -2.86
N LEU A 18 -2.63 -8.43 -3.23
CA LEU A 18 -3.06 -9.41 -2.25
C LEU A 18 -2.18 -10.65 -2.31
N ILE A 19 -1.79 -11.15 -1.14
CA ILE A 19 -0.99 -12.37 -1.07
C ILE A 19 -1.98 -13.47 -0.74
N PHE A 20 -2.12 -14.43 -1.65
CA PHE A 20 -3.04 -15.55 -1.46
C PHE A 20 -2.31 -16.75 -0.89
N GLN A 21 -2.81 -17.31 0.20
CA GLN A 21 -2.18 -18.49 0.79
C GLN A 21 -3.24 -19.57 0.91
N GLY A 22 -2.85 -20.83 0.78
CA GLY A 22 -3.82 -21.90 0.88
C GLY A 22 -4.81 -21.91 -0.26
N ASP A 23 -6.08 -22.19 0.03
CA ASP A 23 -7.12 -22.26 -0.99
C ASP A 23 -7.85 -20.95 -1.31
N ALA A 24 -7.40 -19.84 -0.77
CA ALA A 24 -8.06 -18.56 -1.03
C ALA A 24 -8.00 -18.15 -2.49
N GLN A 25 -9.10 -17.64 -3.02
CA GLN A 25 -9.15 -17.17 -4.39
C GLN A 25 -10.38 -16.28 -4.61
N ILE A 26 -10.30 -15.43 -5.65
CA ILE A 26 -11.39 -14.53 -5.96
C ILE A 26 -12.45 -15.23 -6.81
N LYS A 27 -13.71 -15.04 -6.46
CA LYS A 27 -14.83 -15.61 -7.20
C LYS A 27 -16.06 -14.73 -6.98
N ASN A 28 -16.61 -14.24 -8.08
CA ASN A 28 -17.80 -13.39 -8.02
C ASN A 28 -17.60 -12.09 -7.23
N ASN A 29 -16.48 -11.44 -7.45
CA ASN A 29 -16.15 -10.18 -6.79
C ASN A 29 -16.07 -10.25 -5.27
N ALA A 30 -15.71 -11.42 -4.76
CA ALA A 30 -15.58 -11.64 -3.33
C ALA A 30 -14.43 -12.60 -3.13
N VAL A 31 -13.85 -12.61 -1.94
CA VAL A 31 -12.75 -13.51 -1.66
C VAL A 31 -13.28 -14.75 -0.96
N GLN A 32 -13.14 -15.91 -1.61
CA GLN A 32 -13.55 -17.17 -1.00
C GLN A 32 -12.31 -17.67 -0.28
N LEU A 33 -12.28 -17.51 1.04
CA LEU A 33 -11.12 -17.95 1.81
C LEU A 33 -10.97 -19.46 1.80
N THR A 34 -12.09 -20.17 1.82
CA THR A 34 -12.06 -21.63 1.80
C THR A 34 -12.56 -22.19 0.48
N LYS A 35 -12.00 -23.33 0.10
CA LYS A 35 -12.34 -23.99 -1.15
C LYS A 35 -13.83 -24.32 -1.33
N THR A 36 -14.28 -24.26 -2.57
CA THR A 36 -15.66 -24.58 -2.90
C THR A 36 -15.66 -25.34 -4.23
N ASP A 37 -16.52 -26.34 -4.36
CA ASP A 37 -16.58 -27.11 -5.60
C ASP A 37 -17.08 -26.23 -6.75
N SER A 38 -17.30 -26.85 -7.91
CA SER A 38 -17.76 -26.12 -9.09
C SER A 38 -19.17 -25.55 -8.90
N ASN A 39 -19.98 -26.25 -8.11
CA ASN A 39 -21.35 -25.82 -7.84
C ASN A 39 -21.33 -24.59 -6.94
N GLY A 40 -20.18 -24.32 -6.33
CA GLY A 40 -20.06 -23.16 -5.46
C GLY A 40 -20.32 -23.53 -4.01
N ASN A 41 -20.37 -24.83 -3.73
CA ASN A 41 -20.62 -25.32 -2.38
C ASN A 41 -19.32 -25.56 -1.63
N PRO A 42 -19.33 -25.34 -0.31
CA PRO A 42 -18.15 -25.53 0.55
C PRO A 42 -17.76 -27.01 0.63
N VAL A 43 -16.47 -27.25 0.88
CA VAL A 43 -15.95 -28.61 1.00
C VAL A 43 -15.18 -28.69 2.32
N ALA A 44 -14.92 -29.91 2.77
CA ALA A 44 -14.20 -30.11 4.02
C ALA A 44 -12.70 -30.04 3.85
N SER A 45 -12.00 -30.00 4.98
CA SER A 45 -10.55 -29.97 5.02
C SER A 45 -9.97 -28.96 4.03
N THR A 46 -10.07 -27.68 4.40
CA THR A 46 -9.57 -26.60 3.57
C THR A 46 -9.15 -25.40 4.42
N VAL A 47 -8.08 -24.73 4.01
CA VAL A 47 -7.60 -23.55 4.72
C VAL A 47 -7.16 -22.52 3.68
N GLY A 48 -7.43 -21.25 3.95
CA GLY A 48 -7.06 -20.19 3.02
C GLY A 48 -6.88 -18.87 3.71
N ARG A 49 -5.94 -18.05 3.25
CA ARG A 49 -5.69 -16.76 3.86
C ARG A 49 -5.26 -15.74 2.81
N ILE A 50 -5.49 -14.46 3.11
CA ILE A 50 -5.04 -13.39 2.23
C ILE A 50 -4.35 -12.37 3.13
N LEU A 51 -3.42 -11.61 2.57
CA LEU A 51 -2.69 -10.58 3.29
C LEU A 51 -2.46 -9.44 2.30
N PHE A 52 -2.55 -8.20 2.77
CA PHE A 52 -2.29 -7.08 1.88
C PHE A 52 -0.76 -7.07 1.75
N SER A 53 -0.26 -6.90 0.54
CA SER A 53 1.19 -6.92 0.28
C SER A 53 2.01 -5.87 1.02
N ALA A 54 1.52 -4.63 1.07
CA ALA A 54 2.25 -3.56 1.75
C ALA A 54 2.26 -3.76 3.25
N GLN A 55 3.44 -3.64 3.85
CA GLN A 55 3.59 -3.81 5.28
C GLN A 55 3.11 -2.58 6.03
N VAL A 56 2.48 -2.80 7.19
CA VAL A 56 1.97 -1.73 8.01
C VAL A 56 2.91 -1.43 9.16
N HIS A 57 3.24 -0.15 9.32
CA HIS A 57 4.14 0.25 10.41
C HIS A 57 3.26 0.39 11.66
N LEU A 58 3.20 -0.67 12.45
CA LEU A 58 2.37 -0.72 13.65
C LEU A 58 2.89 0.15 14.79
N TRP A 59 4.20 0.16 14.99
CA TRP A 59 4.82 1.00 16.00
C TRP A 59 6.26 1.27 15.64
N GLU A 60 6.83 2.32 16.22
CA GLU A 60 8.20 2.72 15.92
C GLU A 60 8.96 2.91 17.24
N LYS A 61 9.94 2.06 17.46
CA LYS A 61 10.75 2.09 18.68
C LYS A 61 11.37 3.47 18.93
N SER A 62 12.16 3.95 17.98
CA SER A 62 12.83 5.24 18.12
C SER A 62 11.92 6.40 18.52
N SER A 63 10.90 6.68 17.70
CA SER A 63 9.98 7.79 17.96
C SER A 63 9.00 7.55 19.09
N SER A 64 8.89 6.30 19.55
CA SER A 64 7.97 5.94 20.61
C SER A 64 6.51 6.19 20.19
N ARG A 65 6.21 5.94 18.93
CA ARG A 65 4.86 6.12 18.43
C ARG A 65 4.22 4.77 18.19
N VAL A 66 2.90 4.72 18.33
CA VAL A 66 2.13 3.50 18.11
C VAL A 66 0.98 3.88 17.19
N ALA A 67 0.66 3.00 16.27
CA ALA A 67 -0.40 3.30 15.32
C ALA A 67 -1.81 3.11 15.84
N ASN A 68 -2.69 3.99 15.38
CA ASN A 68 -4.09 3.91 15.68
C ASN A 68 -4.60 3.33 14.36
N PHE A 69 -5.30 2.19 14.40
CA PHE A 69 -5.79 1.63 13.15
C PHE A 69 -7.25 1.24 13.21
N GLN A 70 -7.86 1.14 12.04
CA GLN A 70 -9.25 0.78 11.92
C GLN A 70 -9.41 -0.15 10.72
N SER A 71 -10.10 -1.26 10.93
CA SER A 71 -10.33 -2.22 9.87
C SER A 71 -11.81 -2.47 9.79
N GLN A 72 -12.40 -2.21 8.63
CA GLN A 72 -13.81 -2.42 8.45
C GLN A 72 -13.99 -3.44 7.33
N PHE A 73 -14.87 -4.41 7.55
CA PHE A 73 -15.09 -5.43 6.55
C PHE A 73 -16.41 -6.12 6.76
N SER A 74 -16.83 -6.88 5.75
CA SER A 74 -18.07 -7.61 5.82
C SER A 74 -17.87 -8.99 5.21
N PHE A 75 -18.49 -10.00 5.80
CA PHE A 75 -18.36 -11.36 5.29
C PHE A 75 -19.68 -12.07 5.49
N SER A 76 -19.84 -13.20 4.80
CA SER A 76 -21.02 -14.00 4.93
C SER A 76 -20.59 -15.46 4.96
N LEU A 77 -21.34 -16.28 5.70
CA LEU A 77 -21.03 -17.69 5.81
C LEU A 77 -22.24 -18.44 5.31
N LYS A 78 -22.02 -19.43 4.46
CA LYS A 78 -23.13 -20.21 3.92
C LYS A 78 -22.77 -21.69 3.90
N SER A 79 -23.72 -22.53 4.32
CA SER A 79 -23.50 -23.97 4.35
C SER A 79 -24.82 -24.69 4.12
N PRO A 80 -24.80 -25.73 3.27
CA PRO A 80 -25.97 -26.53 2.94
C PRO A 80 -26.58 -27.19 4.18
N LEU A 81 -25.71 -27.51 5.13
CA LEU A 81 -26.15 -28.14 6.38
C LEU A 81 -26.63 -27.07 7.35
N SER A 82 -26.03 -27.02 8.54
CA SER A 82 -26.40 -26.04 9.54
C SER A 82 -25.29 -25.91 10.58
N ASN A 83 -24.42 -26.93 10.64
CA ASN A 83 -23.30 -26.95 11.56
C ASN A 83 -22.04 -26.40 10.89
N GLY A 84 -22.19 -25.26 10.21
CA GLY A 84 -21.05 -24.66 9.53
C GLY A 84 -19.82 -24.48 10.41
N ALA A 85 -18.65 -24.80 9.85
CA ALA A 85 -17.38 -24.68 10.57
C ALA A 85 -16.30 -24.28 9.56
N ASP A 86 -15.18 -23.73 10.04
CA ASP A 86 -14.91 -23.50 11.45
C ASP A 86 -14.93 -22.02 11.83
N GLY A 87 -14.80 -21.14 10.86
CA GLY A 87 -14.81 -19.72 11.16
C GLY A 87 -13.80 -18.90 10.39
N ILE A 88 -13.97 -17.58 10.46
CA ILE A 88 -13.09 -16.66 9.76
C ILE A 88 -12.47 -15.72 10.78
N ALA A 89 -11.27 -15.23 10.48
CA ALA A 89 -10.61 -14.33 11.41
C ALA A 89 -9.79 -13.25 10.73
N PHE A 90 -9.87 -12.05 11.31
CA PHE A 90 -9.08 -10.93 10.85
C PHE A 90 -7.83 -11.04 11.70
N PHE A 91 -6.65 -10.99 11.10
CA PHE A 91 -5.45 -11.10 11.92
C PHE A 91 -4.32 -10.16 11.51
N ILE A 92 -3.41 -9.96 12.45
CA ILE A 92 -2.26 -9.10 12.28
C ILE A 92 -1.07 -9.95 12.74
N ALA A 93 -0.05 -10.06 11.89
CA ALA A 93 1.11 -10.88 12.21
C ALA A 93 2.37 -10.42 11.47
N PRO A 94 3.54 -11.00 11.81
CA PRO A 94 4.80 -10.63 11.15
C PRO A 94 4.63 -10.78 9.64
N PRO A 95 5.34 -9.96 8.85
CA PRO A 95 5.28 -9.96 7.39
C PRO A 95 5.47 -11.30 6.68
N ASP A 96 6.33 -12.15 7.21
CA ASP A 96 6.61 -13.44 6.59
C ASP A 96 5.69 -14.57 7.05
N THR A 97 4.60 -14.24 7.73
CA THR A 97 3.68 -15.27 8.21
C THR A 97 3.14 -16.15 7.09
N THR A 98 3.08 -17.46 7.37
CA THR A 98 2.57 -18.45 6.42
C THR A 98 1.69 -19.42 7.20
N ILE A 99 0.86 -20.17 6.48
CA ILE A 99 -0.04 -21.14 7.12
C ILE A 99 0.74 -22.20 7.91
N PRO A 100 0.56 -22.24 9.24
CA PRO A 100 1.25 -23.22 10.09
C PRO A 100 0.81 -24.64 9.75
N SER A 101 1.73 -25.59 9.88
CA SER A 101 1.44 -26.97 9.59
C SER A 101 0.39 -27.54 10.55
N GLY A 102 -0.66 -28.13 9.99
CA GLY A 102 -1.72 -28.70 10.80
C GLY A 102 -2.57 -27.67 11.53
N SER A 103 -2.79 -26.52 10.90
CA SER A 103 -3.57 -25.45 11.49
C SER A 103 -5.02 -25.42 10.97
N GLY A 104 -5.45 -26.53 10.40
CA GLY A 104 -6.80 -26.58 9.85
C GLY A 104 -7.90 -26.69 10.90
N GLY A 105 -9.13 -26.77 10.45
CA GLY A 105 -10.26 -26.88 11.36
C GLY A 105 -10.30 -25.81 12.44
N GLY A 106 -10.46 -26.26 13.69
CA GLY A 106 -10.55 -25.35 14.81
C GLY A 106 -9.40 -24.39 15.05
N LEU A 107 -8.24 -24.63 14.45
CA LEU A 107 -7.11 -23.74 14.65
C LEU A 107 -7.16 -22.55 13.69
N LEU A 108 -8.20 -22.51 12.87
CA LEU A 108 -8.46 -21.43 11.92
C LEU A 108 -7.32 -21.00 10.99
N GLY A 109 -6.34 -21.89 10.80
CA GLY A 109 -5.23 -21.57 9.92
C GLY A 109 -4.28 -20.54 10.52
N LEU A 110 -4.41 -20.30 11.82
CA LEU A 110 -3.57 -19.33 12.50
C LEU A 110 -2.54 -19.91 13.46
N PHE A 111 -2.82 -21.08 14.03
CA PHE A 111 -1.88 -21.68 14.98
C PHE A 111 -1.52 -23.13 14.68
N ALA A 112 -0.36 -23.54 15.20
CA ALA A 112 0.12 -24.90 15.04
C ALA A 112 -0.43 -25.70 16.22
N PRO A 113 -0.78 -26.98 16.00
CA PRO A 113 -1.33 -27.82 17.05
C PRO A 113 -0.50 -27.85 18.34
N GLY A 114 0.81 -28.02 18.21
CA GLY A 114 1.66 -28.08 19.37
C GLY A 114 1.86 -26.79 20.14
N THR A 115 1.54 -25.65 19.54
CA THR A 115 1.74 -24.37 20.21
C THR A 115 0.51 -23.47 20.27
N ALA A 116 -0.62 -23.98 19.77
CA ALA A 116 -1.87 -23.23 19.73
C ALA A 116 -2.21 -22.47 21.01
N GLN A 117 -1.78 -22.98 22.16
CA GLN A 117 -2.09 -22.31 23.41
C GLN A 117 -0.87 -21.80 24.16
N ASN A 118 0.29 -21.82 23.51
CA ASN A 118 1.52 -21.34 24.12
C ASN A 118 1.69 -19.88 23.68
N THR A 119 1.40 -18.96 24.59
CA THR A 119 1.49 -17.53 24.29
C THR A 119 2.89 -17.03 23.97
N SER A 120 3.92 -17.67 24.51
CA SER A 120 5.28 -17.22 24.24
C SER A 120 5.84 -17.88 22.97
N ALA A 121 5.01 -18.65 22.29
CA ALA A 121 5.43 -19.32 21.08
C ALA A 121 4.76 -18.74 19.83
N ASN A 122 3.99 -17.66 20.01
CA ASN A 122 3.30 -17.04 18.89
C ASN A 122 3.38 -15.52 18.87
N GLN A 123 3.12 -14.96 17.70
CA GLN A 123 3.09 -13.50 17.49
C GLN A 123 1.90 -13.24 16.59
N VAL A 124 0.73 -13.08 17.17
CA VAL A 124 -0.46 -12.85 16.37
C VAL A 124 -1.62 -12.32 17.17
N ILE A 125 -2.31 -11.34 16.60
CA ILE A 125 -3.49 -10.77 17.21
C ILE A 125 -4.56 -11.03 16.16
N ALA A 126 -5.68 -11.59 16.58
CA ALA A 126 -6.76 -11.89 15.64
C ALA A 126 -8.12 -11.71 16.27
N VAL A 127 -9.11 -11.45 15.41
CA VAL A 127 -10.49 -11.28 15.82
C VAL A 127 -11.19 -12.41 15.08
N GLU A 128 -11.61 -13.41 15.83
CA GLU A 128 -12.26 -14.57 15.25
C GLU A 128 -13.76 -14.60 15.38
N PHE A 129 -14.40 -15.18 14.38
CA PHE A 129 -15.85 -15.36 14.35
C PHE A 129 -15.91 -16.87 14.24
N ASP A 130 -15.96 -17.49 15.41
CA ASP A 130 -15.94 -18.93 15.61
C ASP A 130 -17.33 -19.56 15.65
N THR A 131 -17.61 -20.46 14.72
CA THR A 131 -18.93 -21.10 14.67
C THR A 131 -18.95 -22.54 15.18
N PHE A 132 -17.79 -23.13 15.45
CA PHE A 132 -17.75 -24.51 15.91
C PHE A 132 -17.07 -24.61 17.27
N TYR A 133 -17.75 -25.24 18.22
CA TYR A 133 -17.23 -25.35 19.58
C TYR A 133 -17.28 -26.73 20.24
N ALA A 134 -17.31 -27.80 19.45
CA ALA A 134 -17.35 -29.15 20.02
C ALA A 134 -16.23 -29.28 21.06
N GLN A 135 -16.62 -29.51 22.31
CA GLN A 135 -15.69 -29.61 23.42
C GLN A 135 -14.63 -30.72 23.36
N ASP A 136 -14.67 -31.57 22.34
CA ASP A 136 -13.68 -32.63 22.26
C ASP A 136 -12.50 -32.19 21.41
N SER A 137 -12.77 -31.46 20.32
CA SER A 137 -11.71 -30.97 19.44
C SER A 137 -11.36 -29.50 19.70
N ASN A 138 -12.35 -28.72 20.15
CA ASN A 138 -12.14 -27.31 20.44
C ASN A 138 -12.30 -27.09 21.94
N THR A 139 -11.50 -27.81 22.73
CA THR A 139 -11.57 -27.75 24.19
C THR A 139 -11.39 -26.36 24.78
N TRP A 140 -10.74 -25.47 24.05
CA TRP A 140 -10.49 -24.11 24.53
C TRP A 140 -11.70 -23.19 24.33
N ASP A 141 -12.67 -23.61 23.53
CA ASP A 141 -13.85 -22.78 23.27
C ASP A 141 -15.00 -22.78 24.27
N PRO A 142 -15.68 -21.63 24.41
CA PRO A 142 -16.82 -21.54 25.32
C PRO A 142 -17.85 -22.41 24.58
N ASN A 143 -18.88 -22.88 25.27
CA ASN A 143 -19.84 -23.77 24.62
C ASN A 143 -20.95 -23.12 23.79
N TYR A 144 -20.57 -22.25 22.86
CA TYR A 144 -21.52 -21.57 21.99
C TYR A 144 -20.80 -20.74 20.94
N PRO A 145 -21.47 -20.41 19.82
CA PRO A 145 -20.81 -19.62 18.78
C PRO A 145 -20.37 -18.30 19.40
N HIS A 146 -19.26 -17.75 18.94
CA HIS A 146 -18.75 -16.54 19.54
C HIS A 146 -17.78 -15.73 18.68
N ILE A 147 -17.58 -14.48 19.10
CA ILE A 147 -16.64 -13.59 18.47
C ILE A 147 -15.56 -13.53 19.53
N GLY A 148 -14.30 -13.71 19.15
CA GLY A 148 -13.27 -13.66 20.16
C GLY A 148 -12.05 -12.87 19.75
N ILE A 149 -11.30 -12.41 20.76
CA ILE A 149 -10.08 -11.67 20.54
C ILE A 149 -8.97 -12.63 20.96
N ASP A 150 -8.11 -12.98 20.01
CA ASP A 150 -7.01 -13.91 20.23
C ASP A 150 -5.66 -13.21 20.26
N VAL A 151 -4.96 -13.31 21.38
CA VAL A 151 -3.64 -12.71 21.51
C VAL A 151 -2.64 -13.83 21.77
N ASN A 152 -1.96 -14.26 20.71
CA ASN A 152 -0.96 -15.32 20.77
C ASN A 152 -1.47 -16.70 21.23
N SER A 153 -2.78 -16.90 21.14
CA SER A 153 -3.36 -18.19 21.53
C SER A 153 -4.73 -18.39 20.91
N ILE A 154 -5.07 -19.65 20.63
CA ILE A 154 -6.35 -19.96 20.05
C ILE A 154 -7.42 -19.83 21.13
N ARG A 155 -7.00 -19.80 22.39
CA ARG A 155 -7.92 -19.63 23.51
C ARG A 155 -8.09 -18.13 23.72
N SER A 156 -9.20 -17.60 23.23
CA SER A 156 -9.48 -16.17 23.32
C SER A 156 -9.35 -15.58 24.71
N VAL A 157 -8.74 -14.40 24.78
CA VAL A 157 -8.58 -13.71 26.06
C VAL A 157 -9.90 -13.02 26.42
N LYS A 158 -10.78 -12.88 25.43
CA LYS A 158 -12.07 -12.23 25.65
C LYS A 158 -13.04 -12.68 24.56
N THR A 159 -14.27 -13.04 24.94
CA THR A 159 -15.26 -13.46 23.95
C THR A 159 -16.64 -12.90 24.26
N VAL A 160 -17.54 -13.01 23.29
CA VAL A 160 -18.91 -12.56 23.46
C VAL A 160 -19.75 -13.49 22.61
N LYS A 161 -20.85 -13.98 23.18
CA LYS A 161 -21.74 -14.87 22.45
C LYS A 161 -22.13 -14.21 21.15
N TRP A 162 -22.21 -15.01 20.09
CA TRP A 162 -22.55 -14.51 18.76
C TRP A 162 -23.55 -15.44 18.06
N ASP A 163 -24.29 -14.92 17.09
CA ASP A 163 -25.27 -15.71 16.36
C ASP A 163 -24.86 -15.89 14.91
N ARG A 164 -24.79 -17.13 14.46
CA ARG A 164 -24.43 -17.41 13.07
C ARG A 164 -25.71 -17.35 12.22
N ARG A 165 -25.71 -16.52 11.18
CA ARG A 165 -26.87 -16.41 10.31
C ARG A 165 -26.48 -16.78 8.89
N ASP A 166 -26.90 -17.97 8.48
CA ASP A 166 -26.58 -18.48 7.16
C ASP A 166 -26.92 -17.50 6.03
N GLY A 167 -25.93 -17.19 5.21
CA GLY A 167 -26.14 -16.31 4.08
C GLY A 167 -26.27 -14.82 4.34
N GLN A 168 -26.23 -14.40 5.60
CA GLN A 168 -26.36 -12.97 5.90
C GLN A 168 -25.02 -12.31 6.21
N SER A 169 -24.76 -11.19 5.54
CA SER A 169 -23.50 -10.46 5.73
C SER A 169 -23.39 -9.81 7.10
N LEU A 170 -22.23 -9.96 7.73
CA LEU A 170 -21.99 -9.34 9.03
C LEU A 170 -21.03 -8.19 8.74
N ASN A 171 -21.38 -7.00 9.22
CA ASN A 171 -20.54 -5.83 9.03
C ASN A 171 -19.69 -5.66 10.27
N VAL A 172 -18.38 -5.57 10.10
CA VAL A 172 -17.49 -5.46 11.23
C VAL A 172 -16.58 -4.25 11.24
N LEU A 173 -16.43 -3.67 12.42
CA LEU A 173 -15.55 -2.52 12.63
C LEU A 173 -14.59 -2.89 13.75
N VAL A 174 -13.30 -2.97 13.42
CA VAL A 174 -12.27 -3.28 14.39
C VAL A 174 -11.38 -2.04 14.53
N THR A 175 -11.17 -1.58 15.76
CA THR A 175 -10.35 -0.40 15.99
C THR A 175 -9.38 -0.57 17.14
N PHE A 176 -8.22 0.04 17.02
CA PHE A 176 -7.23 0.00 18.09
C PHE A 176 -6.83 1.42 18.41
N ASN A 177 -6.99 1.79 19.67
CA ASN A 177 -6.64 3.12 20.15
C ASN A 177 -5.36 2.98 20.97
N PRO A 178 -4.22 3.46 20.45
CA PRO A 178 -2.93 3.36 21.16
C PRO A 178 -2.90 4.17 22.46
N SER A 179 -3.75 5.17 22.56
CA SER A 179 -3.81 6.03 23.73
C SER A 179 -4.35 5.27 24.95
N THR A 180 -5.37 4.44 24.72
CA THR A 180 -5.97 3.66 25.80
C THR A 180 -5.63 2.18 25.72
N ARG A 181 -4.94 1.78 24.64
CA ARG A 181 -4.56 0.38 24.43
C ARG A 181 -5.78 -0.51 24.17
N ASN A 182 -6.92 0.09 23.84
CA ASN A 182 -8.12 -0.70 23.59
C ASN A 182 -8.34 -1.15 22.16
N LEU A 183 -8.58 -2.44 22.01
CA LEU A 183 -8.87 -3.05 20.72
C LEU A 183 -10.37 -3.30 20.79
N ASP A 184 -11.14 -2.53 20.03
CA ASP A 184 -12.59 -2.68 20.04
C ASP A 184 -13.14 -3.33 18.79
N VAL A 185 -14.11 -4.21 19.00
CA VAL A 185 -14.75 -4.92 17.91
C VAL A 185 -16.25 -4.66 17.97
N VAL A 186 -16.84 -4.28 16.85
CA VAL A 186 -18.27 -4.04 16.79
C VAL A 186 -18.77 -4.73 15.53
N ALA A 187 -19.70 -5.67 15.70
CA ALA A 187 -20.25 -6.40 14.56
C ALA A 187 -21.76 -6.20 14.55
N THR A 188 -22.32 -6.01 13.36
CA THR A 188 -23.74 -5.80 13.23
C THR A 188 -24.32 -6.44 11.97
N TYR A 189 -25.54 -6.95 12.07
CA TYR A 189 -26.23 -7.51 10.93
C TYR A 189 -27.13 -6.37 10.42
N SER A 190 -27.57 -6.45 9.18
CA SER A 190 -28.40 -5.39 8.60
C SER A 190 -29.63 -5.01 9.40
N ASP A 191 -30.16 -5.94 10.19
CA ASP A 191 -31.37 -5.65 10.96
C ASP A 191 -31.06 -4.87 12.23
N GLY A 192 -29.78 -4.56 12.45
CA GLY A 192 -29.41 -3.82 13.64
C GLY A 192 -28.92 -4.63 14.82
N THR A 193 -28.94 -5.96 14.72
CA THR A 193 -28.46 -6.78 15.83
C THR A 193 -26.97 -6.45 15.98
N ARG A 194 -26.57 -6.10 17.20
CA ARG A 194 -25.21 -5.66 17.47
C ARG A 194 -24.44 -6.54 18.48
N TYR A 195 -23.14 -6.71 18.26
CA TYR A 195 -22.29 -7.49 19.15
C TYR A 195 -21.05 -6.67 19.39
N GLU A 196 -20.58 -6.63 20.63
CA GLU A 196 -19.41 -5.85 20.95
C GLU A 196 -18.48 -6.57 21.90
N VAL A 197 -17.19 -6.44 21.66
CA VAL A 197 -16.21 -7.05 22.54
C VAL A 197 -14.93 -6.23 22.43
N SER A 198 -14.25 -6.05 23.55
CA SER A 198 -13.02 -5.28 23.55
C SER A 198 -12.05 -5.83 24.57
N TYR A 199 -10.79 -5.43 24.44
CA TYR A 199 -9.75 -5.90 25.34
C TYR A 199 -8.56 -4.96 25.27
N GLU A 200 -7.96 -4.72 26.41
CA GLU A 200 -6.81 -3.82 26.50
C GLU A 200 -5.53 -4.61 26.18
N VAL A 201 -4.83 -4.20 25.14
CA VAL A 201 -3.59 -4.88 24.76
C VAL A 201 -2.51 -3.94 24.25
N ASP A 202 -1.28 -4.15 24.71
CA ASP A 202 -0.14 -3.35 24.29
C ASP A 202 0.52 -4.05 23.10
N VAL A 203 0.11 -3.66 21.90
CA VAL A 203 0.64 -4.27 20.68
C VAL A 203 2.15 -4.31 20.59
N ARG A 204 2.82 -3.34 21.20
CA ARG A 204 4.29 -3.29 21.16
C ARG A 204 4.94 -4.54 21.74
N SER A 205 4.32 -5.11 22.76
CA SER A 205 4.89 -6.30 23.39
C SER A 205 4.45 -7.61 22.75
N VAL A 206 3.62 -7.53 21.71
CA VAL A 206 3.12 -8.73 21.05
C VAL A 206 3.58 -8.86 19.59
N LEU A 207 3.67 -7.74 18.89
CA LEU A 207 4.05 -7.77 17.49
C LEU A 207 5.26 -6.90 17.16
N PRO A 208 5.96 -7.23 16.06
CA PRO A 208 7.14 -6.47 15.63
C PRO A 208 6.65 -5.11 15.12
N GLU A 209 7.57 -4.18 14.92
CA GLU A 209 7.21 -2.84 14.44
C GLU A 209 6.47 -2.83 13.12
N TRP A 210 6.87 -3.70 12.20
CA TRP A 210 6.19 -3.80 10.90
C TRP A 210 5.45 -5.12 10.83
N VAL A 211 4.20 -5.08 10.35
CA VAL A 211 3.40 -6.29 10.25
C VAL A 211 2.58 -6.29 8.97
N ARG A 212 1.88 -7.39 8.74
CA ARG A 212 0.97 -7.50 7.62
C ARG A 212 -0.39 -7.83 8.21
N VAL A 213 -1.45 -7.38 7.53
CA VAL A 213 -2.81 -7.62 8.00
C VAL A 213 -3.57 -8.41 6.93
N GLY A 214 -4.51 -9.25 7.38
CA GLY A 214 -5.28 -10.04 6.45
C GLY A 214 -6.37 -10.85 7.10
N PHE A 215 -6.79 -11.92 6.44
CA PHE A 215 -7.83 -12.80 6.97
C PHE A 215 -7.46 -14.25 6.78
N SER A 216 -8.06 -15.10 7.60
CA SER A 216 -7.83 -16.53 7.54
C SER A 216 -9.15 -17.23 7.83
N ALA A 217 -9.35 -18.40 7.25
CA ALA A 217 -10.57 -19.16 7.46
C ALA A 217 -10.24 -20.63 7.25
N ALA A 218 -11.06 -21.50 7.83
CA ALA A 218 -10.82 -22.93 7.69
C ALA A 218 -12.06 -23.78 7.97
N SER A 219 -12.07 -24.96 7.37
CA SER A 219 -13.16 -25.92 7.56
C SER A 219 -12.52 -27.28 7.77
N GLY A 220 -12.80 -27.90 8.91
CA GLY A 220 -12.26 -29.22 9.18
C GLY A 220 -13.22 -30.24 8.58
N GLU A 221 -13.74 -31.15 9.40
CA GLU A 221 -14.67 -32.15 8.89
C GLU A 221 -16.01 -31.47 8.58
N GLN A 222 -16.32 -30.41 9.31
CA GLN A 222 -17.55 -29.64 9.07
C GLN A 222 -17.11 -28.46 8.23
N TYR A 223 -18.04 -27.93 7.42
CA TYR A 223 -17.68 -26.85 6.51
C TYR A 223 -18.75 -25.80 6.24
N GLN A 224 -18.32 -24.74 5.58
CA GLN A 224 -19.17 -23.63 5.20
C GLN A 224 -18.29 -22.71 4.37
N THR A 225 -18.90 -21.82 3.60
CA THR A 225 -18.10 -20.89 2.82
C THR A 225 -17.76 -19.71 3.74
N HIS A 226 -16.58 -19.13 3.54
CA HIS A 226 -16.18 -17.96 4.32
C HIS A 226 -15.87 -16.90 3.27
N THR A 227 -16.89 -16.14 2.90
CA THR A 227 -16.79 -15.12 1.87
C THR A 227 -16.53 -13.69 2.36
N LEU A 228 -15.36 -13.15 2.02
CA LEU A 228 -15.00 -11.78 2.40
C LEU A 228 -15.54 -10.90 1.27
N GLU A 229 -16.50 -10.04 1.59
CA GLU A 229 -17.15 -9.18 0.60
C GLU A 229 -16.57 -7.78 0.40
N SER A 230 -16.02 -7.19 1.45
CA SER A 230 -15.42 -5.87 1.33
C SER A 230 -14.44 -5.66 2.47
N TRP A 231 -13.54 -4.71 2.28
CA TRP A 231 -12.53 -4.45 3.30
C TRP A 231 -11.81 -3.13 3.10
N SER A 232 -11.75 -2.32 4.15
CA SER A 232 -11.04 -1.05 4.10
C SER A 232 -10.18 -1.01 5.36
N PHE A 233 -9.00 -0.43 5.25
CA PHE A 233 -8.07 -0.37 6.38
C PHE A 233 -7.33 0.95 6.39
N THR A 234 -7.02 1.42 7.59
CA THR A 234 -6.30 2.68 7.77
C THR A 234 -5.48 2.61 9.06
N SER A 235 -4.23 3.05 9.00
CA SER A 235 -3.38 3.10 10.18
C SER A 235 -2.60 4.40 10.14
N THR A 236 -2.41 5.01 11.31
CA THR A 236 -1.69 6.27 11.41
C THR A 236 -0.85 6.26 12.69
N LEU A 237 0.46 6.48 12.55
CA LEU A 237 1.32 6.51 13.73
C LEU A 237 1.01 7.75 14.57
N LEU A 238 0.86 7.56 15.88
CA LEU A 238 0.56 8.66 16.79
C LEU A 238 1.45 8.65 18.03
N TYR A 239 1.75 9.83 18.56
CA TYR A 239 2.54 9.96 19.77
C TYR A 239 1.59 9.69 20.93
N THR A 240 2.06 8.95 21.93
CA THR A 240 1.22 8.65 23.08
C THR A 240 1.80 9.24 24.36
N ALA A 241 0.91 9.63 25.27
CA ALA A 241 1.33 10.20 26.55
C ALA A 241 1.80 9.12 27.50
N GLN B 1 -7.23 -2.77 -4.79
CA GLN B 1 -8.16 -1.84 -4.09
C GLN B 1 -8.51 -0.64 -4.96
N ASP B 2 -9.73 -0.15 -4.79
CA ASP B 2 -10.22 1.01 -5.53
C ASP B 2 -9.52 2.29 -5.07
N SER B 3 -9.10 2.31 -3.81
CA SER B 3 -8.43 3.48 -3.26
C SER B 3 -7.20 3.09 -2.45
N LEU B 4 -6.20 3.96 -2.47
CA LEU B 4 -4.96 3.74 -1.76
C LEU B 4 -4.36 5.08 -1.44
N SER B 5 -3.73 5.18 -0.27
CA SER B 5 -3.08 6.42 0.11
C SER B 5 -2.00 6.06 1.12
N PHE B 6 -0.96 6.88 1.17
CA PHE B 6 0.12 6.66 2.09
C PHE B 6 0.84 7.97 2.25
N GLY B 7 1.47 8.16 3.39
CA GLY B 7 2.17 9.41 3.62
C GLY B 7 3.51 9.22 4.29
N PHE B 8 4.51 9.91 3.75
CA PHE B 8 5.86 9.89 4.30
C PHE B 8 6.21 11.31 4.72
N PRO B 9 5.81 11.74 5.92
CA PRO B 9 6.15 13.10 6.35
C PRO B 9 7.68 13.25 6.36
N THR B 10 8.36 12.12 6.57
CA THR B 10 9.83 12.05 6.56
C THR B 10 10.17 10.62 6.15
N PHE B 11 11.45 10.35 5.92
CA PHE B 11 11.88 9.01 5.50
C PHE B 11 12.89 8.34 6.43
N PRO B 12 12.42 7.69 7.51
CA PRO B 12 13.36 7.02 8.41
C PRO B 12 14.08 5.92 7.62
N SER B 13 15.30 5.58 8.05
CA SER B 13 16.08 4.58 7.35
C SER B 13 15.44 3.19 7.31
N ASP B 14 14.54 2.91 8.25
CA ASP B 14 13.88 1.61 8.32
C ASP B 14 12.64 1.51 7.42
N GLN B 15 12.85 1.31 6.12
CA GLN B 15 11.74 1.21 5.17
C GLN B 15 11.44 -0.21 4.72
N LYS B 16 10.17 -0.47 4.41
CA LYS B 16 9.75 -1.80 3.97
C LYS B 16 8.94 -1.79 2.68
N ASN B 17 8.29 -0.67 2.38
CA ASN B 17 7.47 -0.60 1.17
C ASN B 17 8.04 0.19 0.01
N LEU B 18 9.34 0.49 0.06
CA LEU B 18 9.97 1.23 -1.03
C LEU B 18 10.89 0.34 -1.84
N ILE B 19 10.82 0.49 -3.15
CA ILE B 19 11.67 -0.26 -4.06
C ILE B 19 12.77 0.70 -4.49
N PHE B 20 13.99 0.40 -4.08
CA PHE B 20 15.15 1.23 -4.41
C PHE B 20 15.82 0.75 -5.68
N GLN B 21 16.07 1.66 -6.63
CA GLN B 21 16.75 1.29 -7.86
C GLN B 21 17.94 2.22 -8.05
N GLY B 22 19.02 1.68 -8.64
CA GLY B 22 20.20 2.50 -8.85
C GLY B 22 20.89 2.87 -7.56
N ASP B 23 21.27 4.14 -7.43
CA ASP B 23 21.98 4.60 -6.23
C ASP B 23 21.10 5.17 -5.13
N ALA B 24 19.79 5.14 -5.34
CA ALA B 24 18.87 5.68 -4.34
C ALA B 24 19.05 5.05 -2.97
N GLN B 25 19.05 5.88 -1.93
CA GLN B 25 19.16 5.38 -0.57
C GLN B 25 18.75 6.47 0.42
N ILE B 26 18.39 6.04 1.63
CA ILE B 26 17.98 6.98 2.64
C ILE B 26 19.15 7.45 3.50
N LYS B 27 19.22 8.76 3.72
CA LYS B 27 20.27 9.36 4.53
C LYS B 27 19.67 10.58 5.20
N ASN B 28 19.78 10.63 6.52
CA ASN B 28 19.26 11.75 7.29
C ASN B 28 17.76 11.96 7.11
N ASN B 29 17.00 10.88 7.25
CA ASN B 29 15.54 10.92 7.13
C ASN B 29 15.02 11.49 5.81
N ALA B 30 15.83 11.39 4.77
CA ALA B 30 15.45 11.87 3.45
C ALA B 30 15.97 10.87 2.44
N VAL B 31 15.37 10.87 1.25
CA VAL B 31 15.82 9.96 0.21
C VAL B 31 16.82 10.68 -0.68
N GLN B 32 18.02 10.14 -0.78
CA GLN B 32 19.03 10.72 -1.66
C GLN B 32 18.93 9.88 -2.93
N LEU B 33 18.26 10.44 -3.95
CA LEU B 33 18.10 9.71 -5.20
C LEU B 33 19.42 9.48 -5.92
N THR B 34 20.27 10.48 -5.96
CA THR B 34 21.57 10.33 -6.62
C THR B 34 22.67 10.16 -5.59
N LYS B 35 23.74 9.49 -5.99
CA LYS B 35 24.86 9.19 -5.09
C LYS B 35 25.61 10.42 -4.57
N THR B 36 26.01 10.33 -3.30
CA THR B 36 26.77 11.38 -2.63
C THR B 36 27.93 10.69 -1.90
N ASP B 37 29.09 11.34 -1.85
CA ASP B 37 30.24 10.76 -1.17
C ASP B 37 30.04 10.69 0.35
N SER B 38 31.06 10.18 1.05
CA SER B 38 31.00 10.06 2.50
C SER B 38 30.71 11.37 3.20
N ASN B 39 31.05 12.48 2.53
CA ASN B 39 30.82 13.82 3.08
C ASN B 39 29.45 14.35 2.73
N GLY B 40 28.72 13.62 1.89
CA GLY B 40 27.39 14.05 1.50
C GLY B 40 27.39 14.93 0.28
N ASN B 41 28.56 15.12 -0.33
CA ASN B 41 28.67 15.94 -1.53
C ASN B 41 28.31 15.09 -2.74
N PRO B 42 27.59 15.68 -3.70
CA PRO B 42 27.18 14.97 -4.93
C PRO B 42 28.35 14.60 -5.82
N VAL B 43 28.19 13.52 -6.57
CA VAL B 43 29.23 13.05 -7.50
C VAL B 43 28.58 12.90 -8.87
N ALA B 44 29.39 12.75 -9.91
CA ALA B 44 28.87 12.60 -11.26
C ALA B 44 28.52 11.17 -11.60
N SER B 45 27.93 10.97 -12.77
CA SER B 45 27.57 9.64 -13.25
C SER B 45 26.81 8.82 -12.22
N THR B 46 25.59 9.25 -11.91
CA THR B 46 24.78 8.54 -10.94
C THR B 46 23.30 8.65 -11.27
N VAL B 47 22.58 7.56 -11.06
CA VAL B 47 21.15 7.50 -11.32
C VAL B 47 20.51 6.71 -10.20
N GLY B 48 19.29 7.10 -9.81
CA GLY B 48 18.60 6.43 -8.74
C GLY B 48 17.10 6.68 -8.78
N ARG B 49 16.31 5.69 -8.39
CA ARG B 49 14.86 5.85 -8.38
C ARG B 49 14.26 5.09 -7.22
N ILE B 50 13.05 5.48 -6.83
CA ILE B 50 12.33 4.76 -5.77
C ILE B 50 10.89 4.62 -6.26
N LEU B 51 10.24 3.54 -5.85
CA LEU B 51 8.86 3.29 -6.24
C LEU B 51 8.16 2.75 -5.01
N PHE B 52 6.87 3.06 -4.87
CA PHE B 52 6.14 2.52 -3.74
C PHE B 52 5.84 1.08 -4.17
N SER B 53 5.97 0.14 -3.25
CA SER B 53 5.74 -1.28 -3.57
C SER B 53 4.35 -1.63 -4.05
N ALA B 54 3.32 -1.11 -3.38
CA ALA B 54 1.95 -1.40 -3.77
C ALA B 54 1.58 -0.81 -5.12
N GLN B 55 1.05 -1.63 -6.01
CA GLN B 55 0.65 -1.14 -7.32
C GLN B 55 -0.63 -0.33 -7.18
N VAL B 56 -0.72 0.74 -7.97
CA VAL B 56 -1.88 1.61 -7.95
C VAL B 56 -2.81 1.29 -9.11
N HIS B 57 -4.09 1.19 -8.82
CA HIS B 57 -5.06 0.89 -9.87
C HIS B 57 -5.46 2.23 -10.49
N LEU B 58 -4.79 2.58 -11.60
CA LEU B 58 -5.00 3.84 -12.29
C LEU B 58 -6.36 3.93 -13.01
N TRP B 59 -6.76 2.84 -13.66
CA TRP B 59 -8.04 2.81 -14.36
C TRP B 59 -8.52 1.37 -14.52
N GLU B 60 -9.82 1.20 -14.68
CA GLU B 60 -10.41 -0.11 -14.81
C GLU B 60 -11.29 -0.18 -16.05
N LYS B 61 -10.84 -0.95 -17.04
CA LYS B 61 -11.56 -1.09 -18.30
C LYS B 61 -13.01 -1.53 -18.13
N SER B 62 -13.22 -2.64 -17.44
CA SER B 62 -14.56 -3.17 -17.23
C SER B 62 -15.56 -2.15 -16.69
N SER B 63 -15.24 -1.53 -15.56
CA SER B 63 -16.15 -0.56 -14.94
C SER B 63 -16.06 0.85 -15.52
N SER B 64 -15.23 1.03 -16.55
CA SER B 64 -15.09 2.35 -17.17
C SER B 64 -14.69 3.45 -16.16
N ARG B 65 -13.91 3.08 -15.16
CA ARG B 65 -13.49 4.06 -14.15
C ARG B 65 -12.04 4.49 -14.32
N VAL B 66 -11.75 5.72 -13.90
CA VAL B 66 -10.40 6.27 -13.97
C VAL B 66 -10.11 6.87 -12.61
N ALA B 67 -8.87 6.71 -12.14
CA ALA B 67 -8.51 7.22 -10.84
C ALA B 67 -8.24 8.71 -10.77
N ASN B 68 -8.64 9.27 -9.64
CA ASN B 68 -8.41 10.67 -9.32
C ASN B 68 -7.26 10.53 -8.31
N PHE B 69 -6.09 11.08 -8.62
CA PHE B 69 -4.99 10.95 -7.67
C PHE B 69 -4.30 12.28 -7.40
N GLN B 70 -3.60 12.34 -6.27
CA GLN B 70 -2.88 13.54 -5.84
C GLN B 70 -1.55 13.15 -5.21
N SER B 71 -0.49 13.80 -5.65
CA SER B 71 0.84 13.52 -5.13
C SER B 71 1.46 14.83 -4.64
N GLN B 72 1.70 14.90 -3.34
CA GLN B 72 2.28 16.09 -2.73
C GLN B 72 3.67 15.68 -2.25
N PHE B 73 4.68 16.47 -2.60
CA PHE B 73 6.03 16.14 -2.18
C PHE B 73 6.93 17.35 -2.15
N SER B 74 8.04 17.24 -1.42
CA SER B 74 8.98 18.33 -1.33
C SER B 74 10.37 17.78 -1.55
N PHE B 75 11.23 18.59 -2.17
CA PHE B 75 12.61 18.18 -2.40
C PHE B 75 13.49 19.41 -2.42
N SER B 76 14.79 19.17 -2.38
CA SER B 76 15.77 20.24 -2.41
C SER B 76 16.94 19.73 -3.24
N LEU B 77 17.57 20.65 -3.96
CA LEU B 77 18.71 20.33 -4.81
C LEU B 77 19.89 21.16 -4.30
N LYS B 78 21.08 20.57 -4.27
CA LYS B 78 22.23 21.32 -3.81
C LYS B 78 23.49 20.96 -4.60
N SER B 79 24.30 21.97 -4.88
CA SER B 79 25.51 21.74 -5.65
C SER B 79 26.48 22.91 -5.58
N PRO B 80 27.77 22.62 -5.35
CA PRO B 80 28.79 23.66 -5.28
C PRO B 80 29.06 24.22 -6.68
N LEU B 81 28.66 23.46 -7.70
CA LEU B 81 28.83 23.88 -9.10
C LEU B 81 27.81 24.94 -9.48
N SER B 82 28.15 25.77 -10.47
CA SER B 82 27.22 26.80 -10.91
C SER B 82 26.13 26.23 -11.81
N ASN B 83 26.33 25.00 -12.30
CA ASN B 83 25.36 24.36 -13.17
C ASN B 83 25.00 22.96 -12.71
N GLY B 84 24.31 22.85 -11.58
CA GLY B 84 23.94 21.54 -11.08
C GLY B 84 23.05 20.82 -12.07
N ALA B 85 23.22 19.51 -12.18
CA ALA B 85 22.44 18.71 -13.11
C ALA B 85 22.20 17.34 -12.46
N ASP B 86 21.26 16.55 -13.00
CA ASP B 86 20.44 16.89 -14.16
C ASP B 86 18.98 17.18 -13.86
N GLY B 87 18.48 16.69 -12.73
CA GLY B 87 17.11 16.92 -12.39
C GLY B 87 16.44 15.76 -11.70
N ILE B 88 15.24 16.02 -11.17
CA ILE B 88 14.46 15.02 -10.46
C ILE B 88 13.07 14.97 -11.09
N ALA B 89 12.42 13.82 -11.01
CA ALA B 89 11.08 13.72 -11.58
C ALA B 89 10.18 12.74 -10.86
N PHE B 90 8.90 13.13 -10.77
CA PHE B 90 7.88 12.28 -10.18
C PHE B 90 7.37 11.55 -11.42
N PHE B 91 7.26 10.23 -11.38
CA PHE B 91 6.78 9.52 -12.55
C PHE B 91 5.82 8.37 -12.26
N ILE B 92 5.08 8.00 -13.29
CA ILE B 92 4.09 6.93 -13.21
C ILE B 92 4.41 6.03 -14.40
N ALA B 93 4.65 4.76 -14.13
CA ALA B 93 4.99 3.82 -15.19
C ALA B 93 4.47 2.42 -14.88
N PRO B 94 4.66 1.46 -15.82
CA PRO B 94 4.21 0.09 -15.60
C PRO B 94 4.90 -0.46 -14.36
N PRO B 95 4.24 -1.39 -13.64
CA PRO B 95 4.77 -2.00 -12.41
C PRO B 95 6.19 -2.59 -12.47
N ASP B 96 6.56 -3.17 -13.60
CA ASP B 96 7.88 -3.79 -13.73
C ASP B 96 8.97 -2.84 -14.24
N THR B 97 8.70 -1.54 -14.19
CA THR B 97 9.67 -0.56 -14.65
C THR B 97 11.01 -0.66 -13.93
N THR B 98 12.08 -0.53 -14.70
CA THR B 98 13.46 -0.55 -14.19
C THR B 98 14.25 0.55 -14.90
N ILE B 99 15.43 0.86 -14.39
CA ILE B 99 16.25 1.90 -15.00
C ILE B 99 16.75 1.44 -16.39
N PRO B 100 16.35 2.16 -17.46
CA PRO B 100 16.77 1.79 -18.81
C PRO B 100 18.27 1.91 -18.99
N SER B 101 18.83 1.12 -19.89
CA SER B 101 20.27 1.16 -20.12
C SER B 101 20.64 2.50 -20.75
N GLY B 102 21.66 3.13 -20.20
CA GLY B 102 22.12 4.41 -20.73
C GLY B 102 21.18 5.58 -20.56
N SER B 103 20.35 5.54 -19.51
CA SER B 103 19.39 6.61 -19.26
C SER B 103 19.89 7.67 -18.27
N GLY B 104 21.20 7.70 -18.03
CA GLY B 104 21.74 8.67 -17.08
C GLY B 104 21.67 10.10 -17.59
N GLY B 105 22.21 11.02 -16.80
CA GLY B 105 22.22 12.43 -17.18
C GLY B 105 20.89 13.04 -17.60
N GLY B 106 20.91 13.71 -18.74
CA GLY B 106 19.73 14.37 -19.26
C GLY B 106 18.48 13.52 -19.48
N LEU B 107 18.63 12.21 -19.50
CA LEU B 107 17.48 11.33 -19.70
C LEU B 107 16.78 11.03 -18.37
N LEU B 108 17.34 11.58 -17.30
CA LEU B 108 16.77 11.46 -15.96
C LEU B 108 16.47 10.05 -15.45
N GLY B 109 17.09 9.05 -16.06
CA GLY B 109 16.85 7.68 -15.63
C GLY B 109 15.46 7.19 -15.98
N LEU B 110 14.82 7.86 -16.94
CA LEU B 110 13.47 7.50 -17.37
C LEU B 110 13.37 6.90 -18.78
N PHE B 111 14.24 7.35 -19.69
CA PHE B 111 14.22 6.87 -21.09
C PHE B 111 15.57 6.37 -21.60
N ALA B 112 15.50 5.45 -22.56
CA ALA B 112 16.69 4.91 -23.21
C ALA B 112 17.03 5.90 -24.33
N PRO B 113 18.32 6.09 -24.62
CA PRO B 113 18.75 7.02 -25.66
C PRO B 113 18.12 6.78 -27.03
N GLY B 114 18.10 5.53 -27.47
CA GLY B 114 17.55 5.21 -28.77
C GLY B 114 16.09 5.54 -28.99
N THR B 115 15.31 5.63 -27.92
CA THR B 115 13.89 5.92 -28.06
C THR B 115 13.37 7.03 -27.16
N ALA B 116 14.29 7.80 -26.58
CA ALA B 116 13.93 8.89 -25.67
C ALA B 116 12.87 9.84 -26.22
N GLN B 117 12.79 9.96 -27.55
CA GLN B 117 11.80 10.85 -28.14
C GLN B 117 10.76 10.14 -29.01
N ASN B 118 10.69 8.82 -28.90
CA ASN B 118 9.73 8.04 -29.67
C ASN B 118 8.55 7.76 -28.73
N THR B 119 7.49 8.54 -28.86
CA THR B 119 6.32 8.39 -27.99
C THR B 119 5.63 7.03 -28.03
N SER B 120 5.69 6.35 -29.17
CA SER B 120 5.05 5.05 -29.29
C SER B 120 5.91 3.94 -28.69
N ALA B 121 7.12 4.28 -28.30
CA ALA B 121 8.04 3.29 -27.73
C ALA B 121 8.15 3.36 -26.20
N ASN B 122 7.37 4.24 -25.58
CA ASN B 122 7.43 4.38 -24.12
C ASN B 122 6.05 4.39 -23.46
N GLN B 123 6.04 4.14 -22.16
CA GLN B 123 4.84 4.15 -21.34
C GLN B 123 5.18 4.84 -20.03
N VAL B 124 5.17 6.16 -20.04
CA VAL B 124 5.51 6.90 -18.83
C VAL B 124 4.99 8.32 -18.84
N ILE B 125 4.52 8.77 -17.68
CA ILE B 125 4.07 10.12 -17.50
C ILE B 125 4.95 10.61 -16.35
N ALA B 126 5.59 11.76 -16.54
CA ALA B 126 6.45 12.30 -15.50
C ALA B 126 6.40 13.81 -15.47
N VAL B 127 6.63 14.34 -14.27
CA VAL B 127 6.70 15.77 -14.07
C VAL B 127 8.15 15.96 -13.70
N GLU B 128 8.90 16.62 -14.58
CA GLU B 128 10.32 16.83 -14.33
C GLU B 128 10.66 18.24 -13.88
N PHE B 129 11.74 18.35 -13.10
CA PHE B 129 12.25 19.62 -12.63
C PHE B 129 13.67 19.54 -13.16
N ASP B 130 13.83 20.13 -14.35
CA ASP B 130 15.06 20.10 -15.13
C ASP B 130 15.95 21.32 -14.93
N THR B 131 17.15 21.10 -14.41
CA THR B 131 18.08 22.19 -14.14
C THR B 131 19.22 22.31 -15.16
N PHE B 132 19.31 21.38 -16.11
CA PHE B 132 20.38 21.42 -17.10
C PHE B 132 19.79 21.43 -18.49
N TYR B 133 20.06 22.50 -19.23
CA TYR B 133 19.50 22.66 -20.57
C TYR B 133 20.48 23.02 -21.69
N ALA B 134 21.77 22.76 -21.47
CA ALA B 134 22.79 23.07 -22.49
C ALA B 134 22.27 22.67 -23.88
N GLN B 135 22.08 23.66 -24.74
CA GLN B 135 21.56 23.44 -26.08
C GLN B 135 22.39 22.54 -26.99
N ASP B 136 23.60 22.22 -26.56
CA ASP B 136 24.46 21.34 -27.36
C ASP B 136 24.31 19.90 -26.89
N SER B 137 23.85 19.73 -25.66
CA SER B 137 23.68 18.41 -25.04
C SER B 137 22.22 17.97 -25.04
N ASN B 138 21.42 18.63 -24.20
CA ASN B 138 20.00 18.32 -24.11
C ASN B 138 19.28 19.17 -25.15
N THR B 139 19.44 18.79 -26.41
CA THR B 139 18.86 19.51 -27.55
C THR B 139 17.34 19.65 -27.53
N TRP B 140 16.67 18.78 -26.80
CA TRP B 140 15.22 18.80 -26.71
C TRP B 140 14.67 19.82 -25.72
N ASP B 141 15.50 20.33 -24.82
CA ASP B 141 15.07 21.30 -23.81
C ASP B 141 15.01 22.76 -24.23
N PRO B 142 14.12 23.54 -23.61
CA PRO B 142 14.01 24.95 -23.92
C PRO B 142 15.30 25.49 -23.30
N ASN B 143 15.70 26.72 -23.63
CA ASN B 143 16.95 27.23 -23.09
C ASN B 143 16.86 27.93 -21.73
N TYR B 144 16.48 27.17 -20.70
CA TYR B 144 16.37 27.70 -19.34
C TYR B 144 15.87 26.63 -18.38
N PRO B 145 16.07 26.80 -17.06
CA PRO B 145 15.61 25.80 -16.08
C PRO B 145 14.09 25.74 -16.21
N HIS B 146 13.51 24.55 -16.07
CA HIS B 146 12.08 24.44 -16.24
C HIS B 146 11.40 23.26 -15.59
N ILE B 147 10.08 23.38 -15.47
CA ILE B 147 9.26 22.30 -14.96
C ILE B 147 8.63 21.79 -16.26
N GLY B 148 8.64 20.49 -16.46
CA GLY B 148 8.05 19.95 -17.67
C GLY B 148 7.17 18.74 -17.44
N ILE B 149 6.18 18.57 -18.30
CA ILE B 149 5.29 17.43 -18.23
C ILE B 149 5.72 16.51 -19.37
N ASP B 150 6.17 15.32 -19.02
CA ASP B 150 6.64 14.35 -19.99
C ASP B 150 5.64 13.20 -20.22
N VAL B 151 5.24 13.01 -21.46
CA VAL B 151 4.32 11.93 -21.82
C VAL B 151 4.97 11.07 -22.90
N ASN B 152 5.57 9.97 -22.48
CA ASN B 152 6.25 9.00 -23.35
C ASN B 152 7.46 9.55 -24.10
N SER B 153 7.97 10.70 -23.66
CA SER B 153 9.14 11.31 -24.30
C SER B 153 9.88 12.25 -23.37
N ILE B 154 11.19 12.41 -23.61
CA ILE B 154 11.99 13.31 -22.80
C ILE B 154 11.75 14.76 -23.25
N ARG B 155 11.20 14.92 -24.45
CA ARG B 155 10.90 16.26 -24.96
C ARG B 155 9.49 16.56 -24.44
N SER B 156 9.44 17.31 -23.35
CA SER B 156 8.19 17.66 -22.70
C SER B 156 7.09 18.13 -23.65
N VAL B 157 5.85 17.75 -23.36
CA VAL B 157 4.72 18.18 -24.18
C VAL B 157 4.40 19.60 -23.75
N LYS B 158 5.01 20.01 -22.64
CA LYS B 158 4.83 21.35 -22.11
C LYS B 158 5.83 21.70 -21.01
N THR B 159 6.28 22.95 -20.99
CA THR B 159 7.20 23.41 -19.97
C THR B 159 6.87 24.84 -19.58
N VAL B 160 7.39 25.25 -18.43
CA VAL B 160 7.21 26.60 -17.94
C VAL B 160 8.53 26.95 -17.26
N LYS B 161 8.92 28.21 -17.32
CA LYS B 161 10.17 28.64 -16.71
C LYS B 161 10.11 28.40 -15.20
N TRP B 162 11.24 27.96 -14.67
CA TRP B 162 11.36 27.66 -13.25
C TRP B 162 12.72 28.15 -12.76
N ASP B 163 12.79 28.50 -11.48
CA ASP B 163 14.05 28.97 -10.92
C ASP B 163 14.61 27.94 -9.95
N ARG B 164 15.87 27.57 -10.15
CA ARG B 164 16.54 26.63 -9.28
C ARG B 164 17.08 27.44 -8.11
N ARG B 165 16.82 26.99 -6.89
CA ARG B 165 17.33 27.67 -5.71
C ARG B 165 18.08 26.66 -4.85
N ASP B 166 19.40 26.80 -4.84
CA ASP B 166 20.27 25.88 -4.12
C ASP B 166 19.89 25.72 -2.65
N GLY B 167 19.68 24.48 -2.23
CA GLY B 167 19.35 24.21 -0.85
C GLY B 167 17.99 24.67 -0.35
N GLN B 168 17.09 25.07 -1.24
CA GLN B 168 15.77 25.50 -0.78
C GLN B 168 14.72 24.48 -1.20
N SER B 169 13.87 24.11 -0.26
CA SER B 169 12.84 23.13 -0.54
C SER B 169 11.73 23.66 -1.42
N LEU B 170 11.33 22.85 -2.40
CA LEU B 170 10.25 23.21 -3.30
C LEU B 170 9.11 22.27 -2.95
N ASN B 171 7.93 22.82 -2.69
CA ASN B 171 6.77 21.99 -2.38
C ASN B 171 5.93 21.88 -3.64
N VAL B 172 5.60 20.65 -4.00
CA VAL B 172 4.86 20.38 -5.24
C VAL B 172 3.58 19.59 -5.05
N LEU B 173 2.54 20.01 -5.77
CA LEU B 173 1.28 19.28 -5.73
C LEU B 173 0.95 18.86 -7.17
N VAL B 174 0.88 17.55 -7.39
CA VAL B 174 0.53 17.02 -8.71
C VAL B 174 -0.82 16.32 -8.58
N THR B 175 -1.78 16.76 -9.37
CA THR B 175 -3.12 16.18 -9.32
C THR B 175 -3.65 15.83 -10.70
N PHE B 176 -4.51 14.83 -10.73
CA PHE B 176 -5.15 14.39 -11.96
C PHE B 176 -6.64 14.27 -11.69
N ASN B 177 -7.43 14.96 -12.52
CA ASN B 177 -8.89 14.93 -12.40
C ASN B 177 -9.40 14.16 -13.62
N PRO B 178 -9.92 12.93 -13.42
CA PRO B 178 -10.42 12.11 -14.51
C PRO B 178 -11.59 12.71 -15.32
N SER B 179 -12.36 13.60 -14.70
CA SER B 179 -13.48 14.23 -15.40
C SER B 179 -13.01 15.16 -16.51
N THR B 180 -12.09 16.05 -16.16
CA THR B 180 -11.53 17.00 -17.12
C THR B 180 -10.29 16.47 -17.83
N ARG B 181 -9.71 15.40 -17.28
CA ARG B 181 -8.49 14.81 -17.83
C ARG B 181 -7.30 15.77 -17.69
N ASN B 182 -7.42 16.73 -16.76
CA ASN B 182 -6.34 17.67 -16.52
C ASN B 182 -5.33 17.18 -15.49
N LEU B 183 -4.07 17.17 -15.87
CA LEU B 183 -2.99 16.80 -14.98
C LEU B 183 -2.42 18.16 -14.58
N ASP B 184 -2.64 18.57 -13.34
CA ASP B 184 -2.19 19.87 -12.85
C ASP B 184 -0.96 19.82 -11.95
N VAL B 185 -0.06 20.79 -12.14
CA VAL B 185 1.15 20.89 -11.34
C VAL B 185 1.26 22.29 -10.73
N VAL B 186 1.46 22.35 -9.41
CA VAL B 186 1.63 23.61 -8.70
C VAL B 186 2.81 23.43 -7.76
N ALA B 187 3.83 24.26 -7.92
CA ALA B 187 5.02 24.15 -7.07
C ALA B 187 5.28 25.51 -6.46
N THR B 188 5.79 25.51 -5.23
CA THR B 188 6.05 26.76 -4.54
C THR B 188 7.27 26.72 -3.64
N TYR B 189 7.92 27.87 -3.49
CA TYR B 189 9.05 28.00 -2.59
C TYR B 189 8.47 28.63 -1.32
N SER B 190 9.20 28.52 -0.20
CA SER B 190 8.72 29.05 1.08
C SER B 190 8.41 30.54 1.11
N ASP B 191 8.89 31.30 0.12
CA ASP B 191 8.63 32.73 0.09
C ASP B 191 7.38 33.05 -0.73
N GLY B 192 6.66 32.01 -1.17
CA GLY B 192 5.46 32.23 -1.93
C GLY B 192 5.59 32.19 -3.45
N THR B 193 6.82 32.16 -3.95
CA THR B 193 7.03 32.11 -5.40
C THR B 193 6.31 30.85 -5.90
N ARG B 194 5.45 31.05 -6.88
CA ARG B 194 4.61 29.97 -7.38
C ARG B 194 4.80 29.65 -8.87
N TYR B 195 4.70 28.37 -9.21
CA TYR B 195 4.81 27.93 -10.60
C TYR B 195 3.64 27.00 -10.88
N GLU B 196 3.01 27.17 -12.04
CA GLU B 196 1.87 26.35 -12.41
C GLU B 196 1.92 25.93 -13.86
N VAL B 197 1.55 24.69 -14.13
CA VAL B 197 1.52 24.18 -15.49
C VAL B 197 0.49 23.04 -15.51
N SER B 198 -0.33 23.02 -16.55
CA SER B 198 -1.38 22.02 -16.68
C SER B 198 -1.43 21.42 -18.08
N TYR B 199 -1.88 20.17 -18.18
CA TYR B 199 -1.97 19.52 -19.48
C TYR B 199 -3.11 18.51 -19.49
N GLU B 200 -3.82 18.44 -20.62
CA GLU B 200 -4.93 17.51 -20.75
C GLU B 200 -4.42 16.21 -21.34
N VAL B 201 -4.62 15.11 -20.62
CA VAL B 201 -4.18 13.81 -21.10
C VAL B 201 -5.07 12.69 -20.58
N ASP B 202 -5.38 11.74 -21.46
CA ASP B 202 -6.19 10.59 -21.09
C ASP B 202 -5.21 9.49 -20.73
N VAL B 203 -5.01 9.26 -19.44
CA VAL B 203 -4.06 8.26 -18.99
C VAL B 203 -4.34 6.84 -19.50
N ARG B 204 -5.60 6.56 -19.84
CA ARG B 204 -5.97 5.23 -20.33
C ARG B 204 -5.25 4.86 -21.62
N SER B 205 -4.93 5.85 -22.44
CA SER B 205 -4.26 5.59 -23.71
C SER B 205 -2.74 5.59 -23.59
N VAL B 206 -2.24 5.93 -22.40
CA VAL B 206 -0.79 5.99 -22.18
C VAL B 206 -0.24 4.92 -21.24
N LEU B 207 -0.99 4.63 -20.18
CA LEU B 207 -0.53 3.68 -19.18
C LEU B 207 -1.47 2.49 -18.99
N PRO B 208 -0.93 1.35 -18.52
CA PRO B 208 -1.72 0.15 -18.28
C PRO B 208 -2.64 0.42 -17.08
N GLU B 209 -3.58 -0.48 -16.82
CA GLU B 209 -4.52 -0.32 -15.71
C GLU B 209 -3.85 -0.25 -14.34
N TRP B 210 -2.80 -1.03 -14.15
CA TRP B 210 -2.09 -1.01 -12.88
C TRP B 210 -0.70 -0.43 -13.11
N VAL B 211 -0.27 0.46 -12.22
CA VAL B 211 1.03 1.09 -12.34
C VAL B 211 1.69 1.27 -10.99
N ARG B 212 2.92 1.77 -11.02
CA ARG B 212 3.64 2.08 -9.80
C ARG B 212 4.06 3.53 -9.93
N VAL B 213 4.14 4.21 -8.80
CA VAL B 213 4.54 5.61 -8.80
C VAL B 213 5.82 5.77 -8.02
N GLY B 214 6.58 6.81 -8.34
CA GLY B 214 7.83 7.05 -7.65
C GLY B 214 8.56 8.25 -8.18
N PHE B 215 9.86 8.30 -7.88
CA PHE B 215 10.70 9.40 -8.30
C PHE B 215 11.99 8.90 -8.92
N SER B 216 12.55 9.72 -9.81
CA SER B 216 13.80 9.39 -10.48
C SER B 216 14.64 10.65 -10.57
N ALA B 217 15.95 10.47 -10.57
CA ALA B 217 16.87 11.59 -10.67
C ALA B 217 18.20 11.08 -11.21
N ALA B 218 18.97 11.98 -11.80
CA ALA B 218 20.26 11.61 -12.35
C ALA B 218 21.20 12.81 -12.50
N SER B 219 22.48 12.49 -12.59
CA SER B 219 23.54 13.47 -12.77
C SER B 219 24.51 12.88 -13.77
N GLY B 220 24.85 13.66 -14.80
CA GLY B 220 25.79 13.19 -15.78
C GLY B 220 27.15 13.79 -15.44
N GLU B 221 27.69 14.57 -16.37
CA GLU B 221 28.99 15.22 -16.15
C GLU B 221 28.84 16.23 -15.02
N GLN B 222 27.73 16.94 -15.00
CA GLN B 222 27.45 17.92 -13.96
C GLN B 222 26.60 17.20 -12.93
N TYR B 223 26.69 17.65 -11.67
CA TYR B 223 25.96 17.00 -10.60
C TYR B 223 25.37 17.92 -9.54
N GLN B 224 24.56 17.32 -8.67
CA GLN B 224 23.89 18.01 -7.59
C GLN B 224 23.15 16.92 -6.83
N THR B 225 22.84 17.18 -5.57
CA THR B 225 22.09 16.20 -4.80
C THR B 225 20.62 16.38 -5.18
N HIS B 226 19.86 15.29 -5.11
CA HIS B 226 18.43 15.31 -5.41
C HIS B 226 17.80 14.65 -4.20
N THR B 227 17.43 15.47 -3.22
CA THR B 227 16.87 14.97 -1.98
C THR B 227 15.35 15.07 -1.85
N LEU B 228 14.71 13.91 -1.77
CA LEU B 228 13.26 13.84 -1.60
C LEU B 228 13.06 13.88 -0.09
N GLU B 229 12.39 14.92 0.38
CA GLU B 229 12.15 15.14 1.80
C GLU B 229 10.85 14.60 2.36
N SER B 230 9.77 14.68 1.58
CA SER B 230 8.48 14.18 2.06
C SER B 230 7.62 13.79 0.87
N TRP B 231 6.63 12.94 1.11
CA TRP B 231 5.74 12.49 0.05
C TRP B 231 4.47 11.84 0.57
N SER B 232 3.34 12.28 0.02
CA SER B 232 2.04 11.70 0.38
C SER B 232 1.35 11.51 -0.95
N PHE B 233 0.63 10.40 -1.08
CA PHE B 233 -0.07 10.11 -2.32
C PHE B 233 -1.41 9.48 -2.03
N THR B 234 -2.40 9.84 -2.84
CA THR B 234 -3.73 9.29 -2.68
C THR B 234 -4.37 9.12 -4.06
N SER B 235 -5.10 8.03 -4.24
CA SER B 235 -5.79 7.77 -5.50
C SER B 235 -7.07 6.99 -5.21
N THR B 236 -8.11 7.32 -5.96
CA THR B 236 -9.40 6.67 -5.81
C THR B 236 -10.06 6.55 -7.18
N LEU B 237 -10.60 5.36 -7.49
CA LEU B 237 -11.28 5.15 -8.76
C LEU B 237 -12.63 5.84 -8.77
N LEU B 238 -12.92 6.56 -9.85
CA LEU B 238 -14.20 7.26 -9.99
C LEU B 238 -14.83 7.00 -11.34
N TYR B 239 -16.15 7.16 -11.42
CA TYR B 239 -16.87 6.96 -12.67
C TYR B 239 -16.70 8.22 -13.52
N THR B 240 -16.35 8.02 -14.79
CA THR B 240 -16.16 9.16 -15.69
C THR B 240 -17.40 9.44 -16.53
N ALA B 241 -18.09 10.52 -16.21
CA ALA B 241 -19.30 10.92 -16.93
C ALA B 241 -18.97 11.93 -18.02
#